data_6GIN
#
_entry.id   6GIN
#
_cell.length_a   59.080
_cell.length_b   86.390
_cell.length_c   139.290
_cell.angle_alpha   90.000
_cell.angle_beta   90.000
_cell.angle_gamma   90.000
#
_symmetry.space_group_name_H-M   'P 2 21 21'
#
loop_
_entity.id
_entity.type
_entity.pdbx_description
1 polymer 'Activin receptor type-1'
2 non-polymer 3-(4-morpholin-4-ylphenyl)-6-quinolin-4-yl-quinazolin-4-one
3 non-polymer 'SULFATE ION'
4 non-polymer 1,2-ETHANEDIOL
5 water water
#
_entity_poly.entity_id   1
_entity_poly.type   'polypeptide(L)'
_entity_poly.pdbx_seq_one_letter_code
;SMQRTVARDITLLECVGKGRYGEVWRGSWQGENVAVKIFSSRDEKSWFRETELYNTVMLRHENILGFIASDMTSRHSSTQ
LWLITHYHEMGSLYDYLQLTTLDTVSCLRIVLSIASGLAHLHIEIFGTQGKPAIAHRDLKSKNILVKKNGQCCIADLGLA
VMHSQSTNQLDVGNNPRVGTKRYMAPEVLDETIQVDCFDSYKRVDIWAFGLVLWEVARRMVSNGIVEDYKPPFYDVVPND
PSFEDMRKVVCVDQQRPNIPNRWFSDPTLTSLAKLMKECWYQNPSARLTALRIKKTLTKID
;
_entity_poly.pdbx_strand_id   A,B
#
loop_
_chem_comp.id
_chem_comp.type
_chem_comp.name
_chem_comp.formula
EDO non-polymer 1,2-ETHANEDIOL 'C2 H6 O2'
IR2 non-polymer 3-(4-morpholin-4-ylphenyl)-6-quinolin-4-yl-quinazolin-4-one 'C27 H22 N4 O2'
SO4 non-polymer 'SULFATE ION' 'O4 S -2'
#
# COMPACT_ATOMS: atom_id res chain seq x y z
N VAL A 6 38.51 2.40 1.31
CA VAL A 6 38.49 3.41 2.36
C VAL A 6 38.62 2.77 3.74
N ALA A 7 38.15 1.54 3.91
CA ALA A 7 38.40 0.84 5.17
C ALA A 7 39.87 0.88 5.55
N ARG A 8 40.76 0.90 4.56
CA ARG A 8 42.19 0.93 4.84
C ARG A 8 42.59 2.18 5.61
N ASP A 9 41.88 3.29 5.41
CA ASP A 9 42.27 4.59 5.95
C ASP A 9 41.56 4.94 7.27
N ILE A 10 40.73 4.04 7.81
CA ILE A 10 40.05 4.23 9.10
C ILE A 10 40.99 3.77 10.21
N THR A 11 41.20 4.62 11.22
CA THR A 11 41.90 4.23 12.43
C THR A 11 40.86 3.80 13.46
N LEU A 12 40.93 2.55 13.92
CA LEU A 12 40.00 2.05 14.93
C LEU A 12 40.47 2.48 16.32
N LEU A 13 39.57 3.06 17.11
CA LEU A 13 39.97 3.68 18.36
C LEU A 13 39.56 2.88 19.59
N GLU A 14 38.28 2.49 19.68
CA GLU A 14 37.80 1.66 20.78
C GLU A 14 36.56 0.91 20.32
N CYS A 15 36.36 -0.28 20.89
CA CYS A 15 35.14 -1.04 20.66
C CYS A 15 34.02 -0.48 21.55
N VAL A 16 32.89 -0.14 20.94
CA VAL A 16 31.75 0.38 21.70
C VAL A 16 30.55 -0.54 21.69
N GLY A 17 30.63 -1.67 20.98
CA GLY A 17 29.56 -2.65 21.01
C GLY A 17 30.05 -3.97 20.48
N LYS A 18 29.50 -5.06 21.01
CA LYS A 18 29.96 -6.39 20.58
C LYS A 18 28.90 -7.43 20.92
N GLY A 19 28.67 -8.34 19.98
CA GLY A 19 27.72 -9.42 20.17
C GLY A 19 27.90 -10.50 19.11
N ARG A 20 26.88 -11.36 18.99
N ARG A 20 26.87 -11.35 19.01
CA ARG A 20 26.93 -12.40 17.97
CA ARG A 20 26.87 -12.40 17.99
C ARG A 20 26.97 -11.82 16.56
C ARG A 20 26.97 -11.81 16.58
N TYR A 21 26.42 -10.62 16.36
CA TYR A 21 26.44 -9.98 15.04
C TYR A 21 27.83 -9.54 14.60
N GLY A 22 28.77 -9.39 15.54
CA GLY A 22 30.04 -8.75 15.22
C GLY A 22 30.36 -7.67 16.25
N GLU A 23 31.03 -6.61 15.83
CA GLU A 23 31.53 -5.57 16.71
C GLU A 23 31.26 -4.23 16.07
N VAL A 24 31.20 -3.18 16.90
CA VAL A 24 31.12 -1.81 16.40
C VAL A 24 32.25 -1.05 17.05
N TRP A 25 32.97 -0.26 16.26
CA TRP A 25 34.11 0.49 16.77
C TRP A 25 33.87 1.97 16.56
N ARG A 26 34.29 2.77 17.53
CA ARG A 26 34.54 4.18 17.26
C ARG A 26 35.81 4.29 16.40
N GLY A 27 35.69 4.89 15.23
CA GLY A 27 36.86 5.04 14.39
C GLY A 27 37.14 6.48 14.05
N SER A 28 38.32 6.78 13.53
CA SER A 28 38.64 8.09 12.97
C SER A 28 38.81 8.00 11.47
N TRP A 29 38.11 8.87 10.73
CA TRP A 29 38.24 8.95 9.29
C TRP A 29 38.09 10.42 8.87
N GLN A 30 39.13 10.94 8.22
CA GLN A 30 39.14 12.30 7.69
C GLN A 30 38.89 13.34 8.76
N GLY A 31 39.44 13.12 9.96
CA GLY A 31 39.33 14.06 11.04
C GLY A 31 38.04 14.01 11.83
N GLU A 32 37.15 13.08 11.51
CA GLU A 32 35.86 12.97 12.13
C GLU A 32 35.75 11.60 12.81
N ASN A 33 34.87 11.49 13.79
CA ASN A 33 34.48 10.17 14.30
C ASN A 33 33.54 9.48 13.32
N VAL A 34 33.70 8.16 13.20
CA VAL A 34 32.80 7.30 12.42
C VAL A 34 32.53 6.07 13.26
N ALA A 35 31.44 5.41 12.98
CA ALA A 35 31.17 4.08 13.50
C ALA A 35 31.49 3.04 12.44
N VAL A 36 32.15 1.96 12.84
CA VAL A 36 32.52 0.88 11.94
C VAL A 36 31.95 -0.42 12.52
N LYS A 37 31.00 -1.02 11.81
CA LYS A 37 30.52 -2.34 12.18
C LYS A 37 31.32 -3.37 11.37
N ILE A 38 31.96 -4.29 12.08
CA ILE A 38 32.74 -5.36 11.48
C ILE A 38 31.92 -6.63 11.62
N PHE A 39 31.38 -7.19 10.53
CA PHE A 39 30.44 -8.27 10.79
C PHE A 39 31.14 -9.57 11.11
N SER A 40 30.49 -10.40 11.93
CA SER A 40 31.10 -11.68 12.20
C SER A 40 31.00 -12.58 10.97
N SER A 41 31.88 -13.58 10.93
CA SER A 41 31.93 -14.46 9.79
C SER A 41 30.60 -15.14 9.54
N ARG A 42 29.73 -15.25 10.53
CA ARG A 42 28.47 -15.95 10.37
C ARG A 42 27.31 -15.04 10.01
N ASP A 43 27.51 -13.72 9.96
CA ASP A 43 26.41 -12.80 9.70
C ASP A 43 26.59 -12.10 8.35
N GLU A 44 27.31 -12.74 7.44
CA GLU A 44 27.62 -12.12 6.15
C GLU A 44 26.35 -11.79 5.36
N LYS A 45 25.32 -12.62 5.46
CA LYS A 45 24.10 -12.29 4.71
C LYS A 45 23.53 -10.94 5.15
N SER A 46 23.74 -10.54 6.40
CA SER A 46 23.22 -9.24 6.83
C SER A 46 24.03 -8.10 6.25
N TRP A 47 25.35 -8.24 6.25
CA TRP A 47 26.19 -7.27 5.55
C TRP A 47 25.70 -7.11 4.12
N PHE A 48 25.43 -8.25 3.47
CA PHE A 48 25.07 -8.25 2.05
C PHE A 48 23.74 -7.55 1.85
N ARG A 49 22.78 -7.81 2.74
CA ARG A 49 21.46 -7.19 2.61
C ARG A 49 21.53 -5.69 2.85
N GLU A 50 22.31 -5.28 3.84
CA GLU A 50 22.39 -3.86 4.17
C GLU A 50 23.21 -3.11 3.11
N THR A 51 24.26 -3.75 2.58
CA THR A 51 24.96 -3.19 1.43
C THR A 51 24.04 -3.08 0.21
N GLU A 52 23.17 -4.09 -0.01
CA GLU A 52 22.19 -4.05 -1.11
C GLU A 52 21.33 -2.79 -1.04
N LEU A 53 20.67 -2.59 0.10
CA LEU A 53 19.78 -1.43 0.28
C LEU A 53 20.55 -0.13 0.11
N TYR A 54 21.71 0.00 0.76
CA TYR A 54 22.42 1.26 0.68
C TYR A 54 22.90 1.57 -0.74
N ASN A 55 23.18 0.54 -1.57
CA ASN A 55 23.61 0.78 -2.95
C ASN A 55 22.49 0.83 -3.99
N THR A 56 21.28 0.41 -3.66
CA THR A 56 20.23 0.41 -4.66
C THR A 56 19.03 1.27 -4.35
N VAL A 57 18.77 1.57 -3.08
CA VAL A 57 17.57 2.28 -2.64
C VAL A 57 17.99 3.65 -2.15
N MET A 58 17.30 4.70 -2.62
CA MET A 58 17.48 6.04 -2.09
C MET A 58 16.75 6.14 -0.74
N LEU A 59 17.54 6.18 0.34
CA LEU A 59 17.03 5.88 1.66
C LEU A 59 17.63 6.85 2.68
N ARG A 60 17.68 8.13 2.33
CA ARG A 60 18.21 9.16 3.21
C ARG A 60 17.05 9.80 3.99
N HIS A 61 17.19 9.83 5.30
CA HIS A 61 16.15 10.42 6.13
C HIS A 61 16.78 10.79 7.46
N GLU A 62 16.27 11.87 8.08
CA GLU A 62 16.83 12.33 9.35
C GLU A 62 16.84 11.24 10.40
N ASN A 63 15.90 10.32 10.38
CA ASN A 63 15.77 9.36 11.47
C ASN A 63 16.08 7.92 11.01
N ILE A 64 16.90 7.78 9.96
CA ILE A 64 17.48 6.52 9.53
C ILE A 64 19.00 6.67 9.51
N LEU A 65 19.71 5.77 10.18
CA LEU A 65 21.17 5.86 10.25
C LEU A 65 21.75 6.03 8.85
N GLY A 66 22.57 7.06 8.64
CA GLY A 66 23.16 7.28 7.31
C GLY A 66 24.46 6.53 7.12
N PHE A 67 24.58 5.86 5.98
CA PHE A 67 25.80 5.11 5.64
C PHE A 67 26.84 6.01 5.03
N ILE A 68 28.11 5.76 5.34
CA ILE A 68 29.24 6.39 4.66
C ILE A 68 29.80 5.48 3.59
N ALA A 69 30.02 4.21 3.92
CA ALA A 69 30.52 3.30 2.91
C ALA A 69 30.38 1.87 3.45
N SER A 70 30.48 0.93 2.55
CA SER A 70 30.43 -0.48 2.87
C SER A 70 31.63 -1.09 2.18
N ASP A 71 32.49 -1.76 2.93
CA ASP A 71 33.70 -2.30 2.31
C ASP A 71 33.97 -3.76 2.68
N MET A 72 34.76 -4.37 1.81
CA MET A 72 35.42 -5.64 2.02
C MET A 72 36.90 -5.32 2.19
N THR A 73 37.45 -5.61 3.36
CA THR A 73 38.87 -5.38 3.63
C THR A 73 39.51 -6.65 4.17
N SER A 74 40.78 -6.85 3.84
CA SER A 74 41.55 -7.94 4.40
C SER A 74 42.39 -7.40 5.56
N ARG A 75 42.23 -8.01 6.74
CA ARG A 75 42.95 -7.64 7.97
C ARG A 75 43.81 -8.83 8.38
N HIS A 76 45.07 -8.81 7.95
CA HIS A 76 46.06 -9.86 8.24
C HIS A 76 45.69 -11.20 7.62
N SER A 77 45.54 -11.23 6.30
CA SER A 77 45.28 -12.46 5.54
C SER A 77 43.87 -13.02 5.82
N SER A 78 42.86 -12.17 5.78
CA SER A 78 41.48 -12.62 5.91
C SER A 78 40.53 -11.45 5.68
N THR A 79 39.40 -11.72 5.01
CA THR A 79 38.51 -10.66 4.53
C THR A 79 37.43 -10.37 5.55
N GLN A 80 37.32 -9.10 5.93
CA GLN A 80 36.30 -8.66 6.85
C GLN A 80 35.32 -7.79 6.07
N LEU A 81 34.08 -7.85 6.49
CA LEU A 81 33.01 -7.08 5.92
C LEU A 81 32.71 -5.93 6.88
N TRP A 82 32.87 -4.71 6.39
CA TRP A 82 32.71 -3.52 7.20
C TRP A 82 31.55 -2.69 6.69
N LEU A 83 30.86 -2.05 7.63
CA LEU A 83 29.87 -1.03 7.30
C LEU A 83 30.30 0.22 8.08
N ILE A 84 30.48 1.35 7.39
CA ILE A 84 30.97 2.58 8.00
C ILE A 84 29.84 3.59 7.95
N THR A 85 29.48 4.16 9.11
CA THR A 85 28.36 5.09 9.20
C THR A 85 28.76 6.28 10.06
N HIS A 86 27.89 7.29 10.08
CA HIS A 86 27.98 8.35 11.06
C HIS A 86 28.03 7.78 12.48
N TYR A 87 28.73 8.49 13.34
CA TYR A 87 28.93 8.12 14.70
C TYR A 87 28.07 9.00 15.60
N HIS A 88 27.41 8.41 16.60
CA HIS A 88 26.49 9.16 17.46
C HIS A 88 26.93 9.01 18.91
N GLU A 89 27.56 10.07 19.46
CA GLU A 89 28.29 9.91 20.71
C GLU A 89 27.37 9.56 21.87
N MET A 90 26.06 9.86 21.75
CA MET A 90 25.12 9.56 22.84
C MET A 90 24.78 8.07 22.91
N GLY A 91 25.09 7.29 21.86
CA GLY A 91 24.99 5.85 22.03
C GLY A 91 23.64 5.36 21.58
N SER A 92 23.38 4.09 21.88
CA SER A 92 22.07 3.57 21.48
C SER A 92 21.02 4.05 22.48
N LEU A 93 19.77 3.98 22.05
CA LEU A 93 18.66 4.30 22.95
C LEU A 93 18.67 3.40 24.18
N TYR A 94 19.04 2.13 24.00
CA TYR A 94 19.14 1.22 25.14
C TYR A 94 20.08 1.77 26.23
N ASP A 95 21.31 2.17 25.86
CA ASP A 95 22.26 2.69 26.87
C ASP A 95 21.80 4.05 27.39
N TYR A 96 21.31 4.91 26.50
CA TYR A 96 20.94 6.28 26.87
C TYR A 96 19.87 6.28 27.96
N LEU A 97 18.80 5.49 27.78
CA LEU A 97 17.75 5.40 28.78
C LEU A 97 18.26 4.96 30.16
N GLN A 98 19.42 4.29 30.26
CA GLN A 98 19.85 3.89 31.58
C GLN A 98 20.68 4.96 32.25
N LEU A 99 21.07 5.97 31.48
CA LEU A 99 22.01 6.99 31.91
C LEU A 99 21.31 8.30 32.24
N THR A 100 20.04 8.43 31.88
CA THR A 100 19.31 9.66 32.10
C THR A 100 17.83 9.36 32.22
N THR A 101 17.11 10.25 32.89
CA THR A 101 15.66 10.33 32.80
C THR A 101 15.29 11.41 31.78
N LEU A 102 13.98 11.48 31.48
CA LEU A 102 13.43 12.31 30.41
C LEU A 102 12.32 13.21 30.95
N ASP A 103 12.21 14.39 30.37
CA ASP A 103 11.03 15.23 30.58
C ASP A 103 10.08 15.00 29.38
N THR A 104 8.93 15.66 29.43
CA THR A 104 7.89 15.42 28.44
C THR A 104 8.39 15.73 27.02
N VAL A 105 9.06 16.88 26.83
CA VAL A 105 9.57 17.28 25.53
C VAL A 105 10.56 16.23 25.00
N SER A 106 11.54 15.85 25.82
CA SER A 106 12.57 14.90 25.40
C SER A 106 11.95 13.56 25.06
N CYS A 107 11.04 13.09 25.90
CA CYS A 107 10.35 11.83 25.67
C CYS A 107 9.59 11.85 24.36
N LEU A 108 8.88 12.93 24.06
CA LEU A 108 8.08 12.92 22.85
C LEU A 108 8.96 13.08 21.61
N ARG A 109 10.03 13.91 21.66
CA ARG A 109 10.95 13.97 20.53
C ARG A 109 11.53 12.60 20.19
N ILE A 110 11.95 11.83 21.20
CA ILE A 110 12.50 10.51 20.95
C ILE A 110 11.48 9.63 20.22
N VAL A 111 10.29 9.45 20.81
CA VAL A 111 9.39 8.45 20.24
C VAL A 111 8.77 8.93 18.93
N LEU A 112 8.63 10.25 18.72
CA LEU A 112 8.17 10.75 17.43
C LEU A 112 9.23 10.55 16.33
N SER A 113 10.52 10.80 16.64
CA SER A 113 11.57 10.68 15.64
C SER A 113 11.66 9.24 15.15
N ILE A 114 11.50 8.28 16.06
CA ILE A 114 11.49 6.86 15.68
C ILE A 114 10.31 6.54 14.77
N ALA A 115 9.12 6.99 15.18
CA ALA A 115 7.93 6.76 14.36
C ALA A 115 8.12 7.38 12.99
N SER A 116 8.78 8.53 12.92
CA SER A 116 8.98 9.18 11.65
C SER A 116 9.94 8.36 10.78
N GLY A 117 11.01 7.82 11.41
CA GLY A 117 11.89 6.93 10.69
C GLY A 117 11.19 5.69 10.20
N LEU A 118 10.35 5.08 11.04
CA LEU A 118 9.71 3.83 10.67
C LEU A 118 8.64 4.05 9.60
N ALA A 119 7.94 5.18 9.66
CA ALA A 119 6.97 5.48 8.63
C ALA A 119 7.67 5.68 7.30
N HIS A 120 8.86 6.31 7.32
CA HIS A 120 9.57 6.50 6.05
C HIS A 120 10.05 5.17 5.47
N LEU A 121 10.47 4.21 6.30
CA LEU A 121 10.78 2.88 5.79
C LEU A 121 9.55 2.24 5.15
N HIS A 122 8.43 2.20 5.88
CA HIS A 122 7.26 1.41 5.46
C HIS A 122 6.58 1.95 4.21
N ILE A 123 6.74 3.23 3.88
CA ILE A 123 6.02 3.82 2.76
C ILE A 123 6.84 3.77 1.46
N GLU A 124 6.22 3.26 0.39
CA GLU A 124 6.84 3.34 -0.94
C GLU A 124 6.75 4.75 -1.51
N ILE A 125 7.82 5.18 -2.18
CA ILE A 125 7.87 6.45 -2.86
C ILE A 125 8.13 6.18 -4.33
N PHE A 126 7.37 6.83 -5.21
CA PHE A 126 7.46 6.60 -6.64
C PHE A 126 8.29 7.68 -7.33
N GLY A 127 8.65 7.39 -8.57
CA GLY A 127 9.36 8.33 -9.40
C GLY A 127 10.86 8.27 -9.25
N THR A 128 11.50 9.41 -9.56
CA THR A 128 12.94 9.51 -9.66
C THR A 128 13.62 9.10 -8.36
N GLN A 129 13.51 9.91 -7.31
CA GLN A 129 14.24 9.65 -6.06
C GLN A 129 13.40 8.88 -5.04
N GLY A 130 12.77 7.79 -5.47
CA GLY A 130 11.89 7.01 -4.63
C GLY A 130 12.54 5.74 -4.07
N LYS A 131 11.69 4.88 -3.52
CA LYS A 131 12.12 3.71 -2.78
C LYS A 131 10.94 2.75 -2.68
N PRO A 132 11.19 1.44 -2.58
CA PRO A 132 10.10 0.51 -2.27
C PRO A 132 9.68 0.65 -0.81
N ALA A 133 8.60 -0.05 -0.46
CA ALA A 133 8.25 -0.22 0.96
C ALA A 133 9.26 -1.16 1.59
N ILE A 134 9.62 -0.89 2.84
CA ILE A 134 10.67 -1.64 3.56
C ILE A 134 10.21 -1.97 4.97
N ALA A 135 10.12 -3.25 5.30
CA ALA A 135 9.91 -3.66 6.67
C ALA A 135 11.27 -3.98 7.34
N HIS A 136 11.42 -3.50 8.58
CA HIS A 136 12.70 -3.54 9.29
C HIS A 136 12.98 -4.95 9.80
N ARG A 137 12.12 -5.44 10.67
CA ARG A 137 12.07 -6.81 11.19
C ARG A 137 13.03 -7.06 12.36
N ASP A 138 13.90 -6.11 12.74
CA ASP A 138 14.60 -6.31 14.02
C ASP A 138 14.60 -5.03 14.85
N LEU A 139 13.44 -4.38 14.95
CA LEU A 139 13.38 -3.09 15.64
C LEU A 139 13.51 -3.28 17.16
N LYS A 140 14.43 -2.52 17.77
CA LYS A 140 14.59 -2.56 19.23
C LYS A 140 15.44 -1.37 19.66
N SER A 141 15.53 -1.19 20.98
CA SER A 141 16.21 -0.01 21.51
C SER A 141 17.72 -0.09 21.32
N LYS A 142 18.30 -1.28 21.25
CA LYS A 142 19.71 -1.31 20.84
C LYS A 142 19.91 -0.99 19.34
N ASN A 143 18.87 -1.05 18.51
CA ASN A 143 19.02 -0.73 17.08
C ASN A 143 18.62 0.69 16.77
N ILE A 144 18.52 1.52 17.79
CA ILE A 144 18.20 2.93 17.63
C ILE A 144 19.32 3.71 18.29
N LEU A 145 19.80 4.73 17.61
CA LEU A 145 20.87 5.60 18.10
C LEU A 145 20.27 6.93 18.49
N VAL A 146 20.82 7.57 19.55
CA VAL A 146 20.36 8.87 20.00
C VAL A 146 21.29 9.95 19.46
N LYS A 147 20.72 10.98 18.83
CA LYS A 147 21.52 12.08 18.30
C LYS A 147 21.63 13.21 19.32
N LYS A 148 22.60 14.10 19.12
CA LYS A 148 22.75 15.21 20.08
C LYS A 148 21.52 16.12 20.12
N ASN A 149 20.77 16.21 19.01
CA ASN A 149 19.58 17.08 19.02
C ASN A 149 18.39 16.45 19.73
N GLY A 150 18.55 15.31 20.42
CA GLY A 150 17.42 14.64 21.08
C GLY A 150 16.53 13.78 20.19
N GLN A 151 16.68 13.82 18.87
CA GLN A 151 15.97 12.81 18.08
C GLN A 151 16.81 11.54 17.97
N CYS A 152 16.19 10.48 17.46
CA CYS A 152 16.85 9.21 17.20
C CYS A 152 16.91 8.91 15.71
N CYS A 153 17.69 7.87 15.37
CA CYS A 153 17.65 7.31 14.03
C CYS A 153 17.77 5.79 14.13
N ILE A 154 17.16 5.10 13.18
CA ILE A 154 17.05 3.65 13.17
C ILE A 154 18.21 3.03 12.42
N ALA A 155 18.78 1.96 12.98
CA ALA A 155 19.93 1.28 12.42
C ALA A 155 19.57 -0.17 12.14
N ASP A 156 20.43 -0.82 11.34
CA ASP A 156 20.44 -2.27 11.14
C ASP A 156 19.35 -2.75 10.19
N LEU A 157 19.62 -2.68 8.88
CA LEU A 157 18.72 -3.13 7.83
C LEU A 157 19.01 -4.56 7.38
N GLY A 158 19.71 -5.36 8.20
CA GLY A 158 20.16 -6.65 7.70
C GLY A 158 19.05 -7.66 7.46
N LEU A 159 17.87 -7.42 8.01
CA LEU A 159 16.71 -8.28 7.84
C LEU A 159 15.59 -7.61 7.05
N ALA A 160 15.88 -6.46 6.46
CA ALA A 160 14.85 -5.76 5.71
C ALA A 160 14.24 -6.63 4.63
N VAL A 161 12.92 -6.56 4.52
CA VAL A 161 12.18 -7.10 3.39
C VAL A 161 11.63 -5.93 2.60
N MET A 162 11.50 -6.11 1.30
CA MET A 162 11.10 -5.01 0.45
C MET A 162 9.88 -5.38 -0.39
N HIS A 163 9.18 -4.35 -0.83
CA HIS A 163 7.99 -4.55 -1.64
C HIS A 163 7.69 -3.32 -2.50
N SER A 164 7.27 -3.57 -3.72
CA SER A 164 6.92 -2.53 -4.66
C SER A 164 5.56 -2.86 -5.23
N GLN A 165 4.65 -1.89 -5.21
CA GLN A 165 3.29 -2.15 -5.69
C GLN A 165 3.28 -2.53 -7.16
N SER A 166 4.27 -2.05 -7.91
CA SER A 166 4.35 -2.40 -9.33
C SER A 166 4.38 -3.90 -9.54
N THR A 167 4.90 -4.65 -8.59
CA THR A 167 5.09 -6.08 -8.75
C THR A 167 4.28 -6.86 -7.70
N ASN A 168 3.98 -8.12 -8.01
CA ASN A 168 3.59 -9.01 -6.92
C ASN A 168 4.78 -9.42 -6.03
N GLN A 169 5.92 -8.74 -6.16
CA GLN A 169 7.21 -9.28 -5.73
C GLN A 169 7.48 -8.85 -4.31
N LEU A 170 7.41 -9.81 -3.40
CA LEU A 170 7.91 -9.62 -2.05
C LEU A 170 9.35 -10.07 -2.05
N ASP A 171 10.24 -9.20 -1.64
CA ASP A 171 11.68 -9.44 -1.64
C ASP A 171 12.17 -9.70 -0.21
N VAL A 172 12.20 -10.98 0.18
CA VAL A 172 12.54 -11.38 1.55
C VAL A 172 14.00 -11.68 1.75
N GLY A 173 14.83 -11.60 0.71
CA GLY A 173 16.22 -11.97 0.91
C GLY A 173 16.40 -13.45 1.19
N ASN A 174 17.54 -13.77 1.82
CA ASN A 174 17.95 -15.16 2.04
C ASN A 174 18.85 -15.23 3.27
N ASN A 175 18.35 -14.77 4.40
CA ASN A 175 19.15 -14.61 5.59
C ASN A 175 18.62 -15.54 6.67
N PRO A 176 19.46 -16.44 7.20
CA PRO A 176 19.00 -17.34 8.28
C PRO A 176 18.79 -16.61 9.60
N ARG A 177 19.38 -15.43 9.77
CA ARG A 177 19.20 -14.64 10.99
C ARG A 177 17.72 -14.42 11.24
N VAL A 178 17.29 -14.47 12.48
CA VAL A 178 15.91 -14.10 12.79
C VAL A 178 15.96 -12.90 13.76
N GLY A 179 14.81 -12.26 13.95
CA GLY A 179 14.73 -11.10 14.81
C GLY A 179 15.05 -11.42 16.27
N THR A 180 15.28 -10.36 17.05
CA THR A 180 15.56 -10.49 18.46
C THR A 180 14.36 -11.12 19.15
N LYS A 181 14.60 -12.19 19.89
CA LYS A 181 13.46 -12.97 20.39
C LYS A 181 12.61 -12.14 21.34
N ARG A 182 13.27 -11.38 22.23
CA ARG A 182 12.54 -10.61 23.23
C ARG A 182 11.52 -9.69 22.56
N TYR A 183 11.78 -9.25 21.34
CA TYR A 183 10.83 -8.33 20.74
C TYR A 183 9.94 -8.97 19.66
N MET A 184 9.99 -10.29 19.48
CA MET A 184 9.17 -10.92 18.44
C MET A 184 7.67 -10.84 18.73
N ALA A 185 6.88 -10.53 17.68
CA ALA A 185 5.43 -10.49 17.83
C ALA A 185 4.85 -11.90 18.00
N PRO A 186 3.62 -11.99 18.53
CA PRO A 186 3.02 -13.33 18.76
C PRO A 186 2.98 -14.19 17.52
N GLU A 187 2.70 -13.60 16.34
CA GLU A 187 2.54 -14.37 15.11
C GLU A 187 3.88 -14.88 14.58
N VAL A 188 4.99 -14.26 14.99
CA VAL A 188 6.33 -14.78 14.68
C VAL A 188 6.68 -15.92 15.65
N LEU A 189 6.44 -15.71 16.96
CA LEU A 189 6.66 -16.75 17.97
C LEU A 189 5.82 -18.00 17.72
N ASP A 190 4.58 -17.84 17.24
CA ASP A 190 3.75 -19.02 17.02
C ASP A 190 3.72 -19.45 15.56
N GLU A 191 4.47 -18.77 14.69
CA GLU A 191 4.73 -19.23 13.33
C GLU A 191 3.46 -19.28 12.48
N THR A 192 2.50 -18.43 12.81
CA THR A 192 1.32 -18.26 11.96
C THR A 192 1.45 -17.05 11.07
N ILE A 193 2.54 -16.29 11.19
CA ILE A 193 2.77 -15.14 10.31
C ILE A 193 2.67 -15.57 8.84
N GLN A 194 1.84 -14.83 8.10
CA GLN A 194 1.71 -14.99 6.66
C GLN A 194 2.98 -14.53 5.94
N VAL A 195 3.90 -15.45 5.67
CA VAL A 195 5.24 -15.05 5.21
C VAL A 195 5.21 -14.48 3.80
N ASP A 196 4.15 -14.69 3.05
CA ASP A 196 4.06 -14.21 1.68
C ASP A 196 3.45 -12.84 1.58
N CYS A 197 3.13 -12.19 2.71
CA CYS A 197 2.37 -10.96 2.73
C CYS A 197 3.22 -9.85 3.37
N PHE A 198 3.70 -8.93 2.53
CA PHE A 198 4.53 -7.82 3.02
C PHE A 198 3.90 -7.08 4.19
N ASP A 199 2.58 -6.93 4.19
CA ASP A 199 1.92 -6.23 5.29
C ASP A 199 2.15 -6.93 6.64
N SER A 200 2.27 -8.25 6.64
CA SER A 200 2.53 -8.98 7.89
C SER A 200 3.79 -8.47 8.57
N TYR A 201 4.81 -8.12 7.77
CA TYR A 201 6.08 -7.68 8.32
C TYR A 201 5.96 -6.29 8.90
N LYS A 202 5.13 -5.45 8.31
CA LYS A 202 4.96 -4.14 8.93
C LYS A 202 4.30 -4.27 10.29
N ARG A 203 3.43 -5.24 10.45
CA ARG A 203 2.69 -5.34 11.68
C ARG A 203 3.59 -5.91 12.77
N VAL A 204 4.58 -6.71 12.37
CA VAL A 204 5.66 -7.10 13.27
C VAL A 204 6.50 -5.90 13.72
N ASP A 205 6.87 -4.99 12.79
CA ASP A 205 7.58 -3.79 13.23
C ASP A 205 6.77 -2.99 14.24
N ILE A 206 5.45 -2.92 14.05
CA ILE A 206 4.59 -2.14 14.92
C ILE A 206 4.53 -2.75 16.32
N TRP A 207 4.33 -4.07 16.42
CA TRP A 207 4.47 -4.73 17.71
C TRP A 207 5.75 -4.30 18.43
N ALA A 208 6.88 -4.40 17.73
CA ALA A 208 8.16 -4.12 18.40
C ALA A 208 8.28 -2.65 18.75
N PHE A 209 7.71 -1.76 17.92
CA PHE A 209 7.69 -0.34 18.24
C PHE A 209 6.95 -0.07 19.57
N GLY A 210 5.76 -0.66 19.75
CA GLY A 210 5.07 -0.55 21.03
C GLY A 210 5.96 -0.87 22.23
N LEU A 211 6.80 -1.91 22.11
CA LEU A 211 7.72 -2.26 23.20
C LEU A 211 8.75 -1.16 23.46
N VAL A 212 9.31 -0.59 22.39
CA VAL A 212 10.26 0.51 22.52
C VAL A 212 9.61 1.71 23.21
N LEU A 213 8.36 1.97 22.85
CA LEU A 213 7.58 3.06 23.42
C LEU A 213 7.40 2.88 24.92
N TRP A 214 6.92 1.70 25.31
CA TRP A 214 6.96 1.29 26.70
C TRP A 214 8.32 1.62 27.34
N GLU A 215 9.42 1.19 26.70
CA GLU A 215 10.71 1.30 27.38
C GLU A 215 11.04 2.75 27.66
N VAL A 216 10.70 3.62 26.70
CA VAL A 216 11.03 5.04 26.80
C VAL A 216 10.09 5.74 27.78
N ALA A 217 8.79 5.45 27.69
CA ALA A 217 7.82 6.13 28.56
C ALA A 217 8.19 5.92 30.03
N ARG A 218 8.67 4.71 30.39
CA ARG A 218 9.09 4.42 31.77
C ARG A 218 10.07 5.45 32.33
N ARG A 219 10.87 6.07 31.46
CA ARG A 219 11.98 6.93 31.88
C ARG A 219 11.60 8.41 31.88
N MET A 220 10.38 8.74 31.48
CA MET A 220 9.88 10.12 31.60
C MET A 220 9.39 10.36 33.03
N VAL A 221 9.81 11.47 33.62
CA VAL A 221 9.41 11.78 34.99
C VAL A 221 7.99 12.37 34.99
N SER A 222 7.13 11.91 35.91
CA SER A 222 5.87 12.60 36.19
C SER A 222 5.67 12.66 37.69
N ASN A 223 5.24 13.82 38.19
CA ASN A 223 4.96 13.96 39.62
C ASN A 223 6.18 13.54 40.45
N GLY A 224 7.36 13.83 39.92
CA GLY A 224 8.57 13.59 40.66
C GLY A 224 9.07 12.16 40.65
N ILE A 225 8.34 11.21 40.07
CA ILE A 225 8.76 9.81 40.11
C ILE A 225 8.97 9.28 38.68
N VAL A 226 9.64 8.14 38.61
CA VAL A 226 10.07 7.52 37.37
C VAL A 226 10.32 6.04 37.66
N GLU A 227 10.13 5.19 36.65
CA GLU A 227 10.52 3.79 36.75
C GLU A 227 11.99 3.60 36.34
N ASP A 228 12.60 2.59 36.92
CA ASP A 228 13.93 2.16 36.45
C ASP A 228 13.89 1.72 34.99
N TYR A 229 14.99 1.95 34.27
CA TYR A 229 15.13 1.31 32.96
C TYR A 229 14.98 -0.21 33.10
N LYS A 230 14.11 -0.81 32.27
CA LYS A 230 14.02 -2.26 32.11
C LYS A 230 13.71 -2.63 30.66
N PRO A 231 14.16 -3.79 30.19
CA PRO A 231 13.80 -4.22 28.82
C PRO A 231 12.42 -4.85 28.83
N PRO A 232 11.75 -4.92 27.68
CA PRO A 232 10.45 -5.60 27.59
C PRO A 232 10.44 -7.01 28.19
N PHE A 233 9.43 -7.31 29.00
CA PHE A 233 9.24 -8.60 29.65
C PHE A 233 10.37 -8.93 30.64
N TYR A 234 11.08 -7.90 31.16
CA TYR A 234 12.16 -8.11 32.13
C TYR A 234 11.74 -8.99 33.32
N ASP A 235 10.45 -8.91 33.73
CA ASP A 235 10.00 -9.59 34.93
C ASP A 235 9.72 -11.08 34.73
N VAL A 236 9.49 -11.55 33.51
CA VAL A 236 9.01 -12.91 33.30
C VAL A 236 9.91 -13.76 32.41
N VAL A 237 10.94 -13.20 31.79
CA VAL A 237 11.91 -14.02 31.05
C VAL A 237 13.31 -13.67 31.54
N PRO A 238 14.26 -14.58 31.40
CA PRO A 238 15.64 -14.26 31.75
C PRO A 238 16.31 -13.42 30.66
N ASN A 239 17.56 -13.06 30.94
CA ASN A 239 18.44 -12.57 29.88
C ASN A 239 18.66 -13.62 28.81
N ASP A 240 18.86 -13.15 27.58
CA ASP A 240 19.00 -14.02 26.42
C ASP A 240 17.84 -15.03 26.38
N PRO A 241 16.60 -14.55 26.37
CA PRO A 241 15.47 -15.48 26.49
C PRO A 241 15.41 -16.43 25.30
N SER A 242 15.04 -17.68 25.57
CA SER A 242 14.89 -18.62 24.46
C SER A 242 13.59 -18.38 23.70
N PHE A 243 13.52 -19.00 22.52
CA PHE A 243 12.32 -18.93 21.71
C PHE A 243 11.12 -19.44 22.50
N GLU A 244 11.27 -20.59 23.15
CA GLU A 244 10.20 -21.15 23.97
C GLU A 244 9.84 -20.26 25.16
N ASP A 245 10.81 -19.62 25.82
CA ASP A 245 10.45 -18.69 26.91
C ASP A 245 9.47 -17.65 26.39
N MET A 246 9.81 -17.02 25.26
CA MET A 246 8.99 -15.94 24.74
C MET A 246 7.64 -16.46 24.30
N ARG A 247 7.62 -17.59 23.60
CA ARG A 247 6.37 -18.16 23.16
C ARG A 247 5.46 -18.41 24.35
N LYS A 248 5.98 -19.01 25.42
CA LYS A 248 5.18 -19.21 26.63
C LYS A 248 4.56 -17.90 27.14
N VAL A 249 5.37 -16.85 27.31
CA VAL A 249 4.88 -15.60 27.88
C VAL A 249 3.91 -14.88 26.94
N VAL A 250 4.28 -14.76 25.67
CA VAL A 250 3.54 -13.88 24.74
C VAL A 250 2.35 -14.60 24.14
N CYS A 251 2.55 -15.84 23.68
CA CYS A 251 1.51 -16.64 23.01
C CYS A 251 0.66 -17.46 23.97
N VAL A 252 1.28 -18.33 24.79
CA VAL A 252 0.46 -19.22 25.62
C VAL A 252 -0.21 -18.40 26.72
N ASP A 253 0.57 -17.56 27.41
CA ASP A 253 0.03 -16.81 28.53
C ASP A 253 -0.54 -15.46 28.11
N GLN A 254 -0.29 -15.01 26.87
CA GLN A 254 -0.96 -13.80 26.38
C GLN A 254 -0.57 -12.56 27.15
N GLN A 255 0.65 -12.50 27.66
CA GLN A 255 1.05 -11.39 28.52
C GLN A 255 1.52 -10.21 27.67
N ARG A 256 1.39 -9.03 28.25
CA ARG A 256 1.81 -7.77 27.66
C ARG A 256 2.50 -6.96 28.75
N PRO A 257 3.37 -6.03 28.37
CA PRO A 257 4.05 -5.21 29.40
C PRO A 257 3.04 -4.46 30.26
N ASN A 258 3.30 -4.38 31.57
CA ASN A 258 2.41 -3.69 32.51
C ASN A 258 2.52 -2.17 32.37
N ILE A 259 1.39 -1.48 32.52
CA ILE A 259 1.35 -0.01 32.52
C ILE A 259 1.47 0.45 33.97
N PRO A 260 2.54 1.15 34.35
CA PRO A 260 2.62 1.69 35.72
C PRO A 260 1.44 2.61 36.03
N ASN A 261 0.85 2.45 37.23
CA ASN A 261 -0.32 3.25 37.59
C ASN A 261 -0.02 4.74 37.60
N ARG A 262 1.21 5.15 37.96
CA ARG A 262 1.48 6.59 38.01
C ARG A 262 1.34 7.23 36.63
N TRP A 263 1.32 6.43 35.55
CA TRP A 263 1.18 7.05 34.24
C TRP A 263 -0.19 7.68 34.06
N PHE A 264 -1.19 7.18 34.75
CA PHE A 264 -2.52 7.73 34.55
C PHE A 264 -2.71 9.07 35.25
N SER A 265 -1.74 9.54 36.05
CA SER A 265 -1.76 10.89 36.63
C SER A 265 -0.99 11.88 35.78
N ASP A 266 -0.71 11.53 34.52
CA ASP A 266 -0.01 12.41 33.59
C ASP A 266 -0.67 12.22 32.23
N PRO A 267 -1.07 13.31 31.57
CA PRO A 267 -1.86 13.16 30.34
C PRO A 267 -1.05 12.65 29.16
N THR A 268 0.24 13.01 29.10
CA THR A 268 1.09 12.51 28.02
C THR A 268 1.28 11.01 28.15
N LEU A 269 1.65 10.57 29.35
CA LEU A 269 1.83 9.15 29.57
C LEU A 269 0.51 8.41 29.42
N THR A 270 -0.60 9.02 29.83
CA THR A 270 -1.88 8.38 29.53
C THR A 270 -2.05 8.16 28.03
N SER A 271 -1.74 9.19 27.22
CA SER A 271 -1.88 9.03 25.77
C SER A 271 -0.89 8.02 25.21
N LEU A 272 0.31 7.93 25.78
CA LEU A 272 1.28 6.95 25.28
C LEU A 272 0.90 5.52 25.66
N ALA A 273 0.33 5.33 26.87
CA ALA A 273 -0.21 4.03 27.27
C ALA A 273 -1.24 3.54 26.26
N LYS A 274 -2.19 4.39 25.89
CA LYS A 274 -3.21 3.96 24.93
C LYS A 274 -2.58 3.62 23.59
N LEU A 275 -1.65 4.45 23.16
CA LEU A 275 -0.98 4.23 21.89
C LEU A 275 -0.23 2.89 21.89
N MET A 276 0.60 2.65 22.91
CA MET A 276 1.35 1.40 22.91
C MET A 276 0.41 0.19 22.96
N LYS A 277 -0.71 0.28 23.66
CA LYS A 277 -1.55 -0.93 23.66
C LYS A 277 -2.18 -1.19 22.30
N GLU A 278 -2.29 -0.19 21.44
CA GLU A 278 -2.82 -0.40 20.10
C GLU A 278 -1.76 -0.96 19.15
N CYS A 279 -0.54 -1.15 19.66
CA CYS A 279 0.52 -1.82 18.94
C CYS A 279 0.56 -3.31 19.25
N TRP A 280 -0.23 -3.75 20.22
CA TRP A 280 -0.08 -5.04 20.86
C TRP A 280 -1.27 -5.96 20.64
N TYR A 281 -2.24 -5.58 19.82
CA TYR A 281 -3.36 -6.49 19.60
C TYR A 281 -2.86 -7.85 19.10
N GLN A 282 -3.56 -8.91 19.49
CA GLN A 282 -3.27 -10.23 18.95
C GLN A 282 -3.41 -10.24 17.42
N ASN A 283 -4.53 -9.77 16.92
CA ASN A 283 -4.76 -9.61 15.48
C ASN A 283 -3.81 -8.56 14.92
N PRO A 284 -2.80 -8.95 14.11
CA PRO A 284 -1.89 -7.94 13.52
C PRO A 284 -2.61 -6.86 12.72
N SER A 285 -3.72 -7.19 12.06
CA SER A 285 -4.51 -6.24 11.28
C SER A 285 -5.13 -5.15 12.11
N ALA A 286 -5.33 -5.40 13.42
CA ALA A 286 -5.89 -4.40 14.32
C ALA A 286 -4.89 -3.35 14.82
N ARG A 287 -3.58 -3.57 14.62
CA ARG A 287 -2.57 -2.65 15.16
C ARG A 287 -2.52 -1.33 14.37
N LEU A 288 -2.06 -0.27 15.03
CA LEU A 288 -1.88 1.00 14.32
C LEU A 288 -0.83 0.84 13.23
N THR A 289 -0.97 1.63 12.16
CA THR A 289 0.11 1.81 11.20
C THR A 289 1.19 2.77 11.74
N ALA A 290 2.39 2.65 11.18
CA ALA A 290 3.47 3.59 11.51
C ALA A 290 3.03 5.03 11.27
N LEU A 291 2.31 5.27 10.16
CA LEU A 291 1.91 6.64 9.85
C LEU A 291 0.88 7.15 10.84
N ARG A 292 -0.09 6.31 11.23
CA ARG A 292 -1.02 6.74 12.28
C ARG A 292 -0.30 7.06 13.59
N ILE A 293 0.66 6.24 14.00
CA ILE A 293 1.43 6.56 15.21
C ILE A 293 2.11 7.91 15.04
N LYS A 294 2.77 8.12 13.90
CA LYS A 294 3.45 9.39 13.66
C LYS A 294 2.51 10.56 13.86
N LYS A 295 1.35 10.50 13.20
CA LYS A 295 0.39 11.57 13.30
C LYS A 295 -0.06 11.76 14.74
N THR A 296 -0.35 10.66 15.43
CA THR A 296 -0.84 10.80 16.79
C THR A 296 0.22 11.43 17.69
N LEU A 297 1.47 10.98 17.58
CA LEU A 297 2.51 11.53 18.46
C LEU A 297 2.78 13.00 18.15
N THR A 298 2.50 13.42 16.92
CA THR A 298 2.67 14.80 16.54
C THR A 298 1.67 15.70 17.25
N LYS A 299 0.46 15.20 17.54
CA LYS A 299 -0.52 15.99 18.28
C LYS A 299 -0.34 15.91 19.80
N ILE A 300 0.13 14.79 20.36
CA ILE A 300 0.33 14.70 21.81
C ILE A 300 1.16 15.88 22.30
N ASP A 301 0.85 16.34 23.51
CA ASP A 301 1.45 17.53 24.15
C ASP A 301 2.12 17.18 25.49
N VAL B 6 -27.30 24.21 -7.44
CA VAL B 6 -26.50 24.11 -8.67
C VAL B 6 -27.16 23.18 -9.73
N ALA B 7 -28.18 22.40 -9.35
CA ALA B 7 -28.97 21.68 -10.33
C ALA B 7 -29.97 22.60 -11.04
N ARG B 8 -30.39 23.68 -10.38
CA ARG B 8 -31.26 24.66 -11.00
C ARG B 8 -30.55 25.43 -12.12
N ASP B 9 -29.22 25.44 -12.14
CA ASP B 9 -28.49 26.16 -13.16
C ASP B 9 -28.29 25.32 -14.42
N ILE B 10 -28.78 24.09 -14.44
CA ILE B 10 -28.63 23.17 -15.57
C ILE B 10 -29.98 22.96 -16.23
N THR B 11 -29.99 22.94 -17.56
CA THR B 11 -31.17 22.60 -18.35
C THR B 11 -30.90 21.26 -19.02
N LEU B 12 -31.74 20.29 -18.72
CA LEU B 12 -31.63 18.97 -19.33
C LEU B 12 -32.19 19.06 -20.75
N LEU B 13 -31.44 18.57 -21.74
CA LEU B 13 -31.83 18.69 -23.13
C LEU B 13 -32.21 17.36 -23.78
N GLU B 14 -31.44 16.30 -23.59
CA GLU B 14 -31.81 14.99 -24.15
C GLU B 14 -31.27 13.87 -23.27
N CYS B 15 -32.05 12.80 -23.22
CA CYS B 15 -31.62 11.59 -22.52
C CYS B 15 -30.76 10.75 -23.47
N VAL B 16 -29.50 10.52 -23.10
CA VAL B 16 -28.62 9.68 -23.92
C VAL B 16 -28.49 8.27 -23.40
N GLY B 17 -29.11 7.96 -22.26
CA GLY B 17 -29.11 6.58 -21.84
C GLY B 17 -30.03 6.38 -20.66
N LYS B 18 -30.58 5.18 -20.51
CA LYS B 18 -31.50 4.88 -19.42
C LYS B 18 -31.41 3.39 -19.14
N GLY B 19 -31.34 3.00 -17.89
CA GLY B 19 -31.41 1.61 -17.51
C GLY B 19 -31.74 1.44 -16.02
N ARG B 20 -31.42 0.25 -15.49
N ARG B 20 -31.42 0.25 -15.50
CA ARG B 20 -31.70 -0.01 -14.07
CA ARG B 20 -31.67 -0.05 -14.09
C ARG B 20 -31.06 1.03 -13.16
C ARG B 20 -31.05 0.99 -13.17
N TYR B 21 -29.95 1.62 -13.59
CA TYR B 21 -29.20 2.58 -12.77
C TYR B 21 -29.82 3.98 -12.71
N GLY B 22 -30.85 4.29 -13.51
CA GLY B 22 -31.31 5.65 -13.68
C GLY B 22 -31.16 6.09 -15.13
N GLU B 23 -30.77 7.34 -15.32
CA GLU B 23 -30.78 7.93 -16.66
C GLU B 23 -29.60 8.88 -16.76
N VAL B 24 -29.09 9.06 -17.98
CA VAL B 24 -28.08 10.10 -18.17
C VAL B 24 -28.60 11.06 -19.21
N TRP B 25 -28.35 12.35 -19.01
CA TRP B 25 -28.84 13.41 -19.88
C TRP B 25 -27.66 14.28 -20.31
N ARG B 26 -27.69 14.70 -21.57
CA ARG B 26 -26.90 15.86 -21.95
C ARG B 26 -27.66 17.05 -21.40
N GLY B 27 -27.01 17.80 -20.49
CA GLY B 27 -27.54 19.04 -19.97
C GLY B 27 -26.71 20.20 -20.50
N SER B 28 -27.22 21.40 -20.28
CA SER B 28 -26.55 22.64 -20.62
C SER B 28 -26.28 23.45 -19.36
N TRP B 29 -25.06 24.02 -19.28
CA TRP B 29 -24.59 24.73 -18.09
C TRP B 29 -23.46 25.65 -18.49
N GLN B 30 -23.64 26.95 -18.28
CA GLN B 30 -22.59 27.96 -18.46
C GLN B 30 -21.85 27.83 -19.79
N GLY B 31 -22.61 27.62 -20.86
CA GLY B 31 -22.01 27.58 -22.19
C GLY B 31 -21.44 26.24 -22.59
N GLU B 32 -21.63 25.20 -21.77
CA GLU B 32 -21.02 23.92 -22.04
C GLU B 32 -22.06 22.80 -21.93
N ASN B 33 -21.81 21.71 -22.63
CA ASN B 33 -22.50 20.48 -22.32
C ASN B 33 -22.01 19.98 -20.96
N VAL B 34 -22.91 19.35 -20.20
CA VAL B 34 -22.54 18.56 -19.03
C VAL B 34 -23.34 17.26 -19.10
N ALA B 35 -22.87 16.24 -18.41
CA ALA B 35 -23.64 15.01 -18.26
C ALA B 35 -24.31 15.06 -16.90
N VAL B 36 -25.59 14.71 -16.86
CA VAL B 36 -26.36 14.64 -15.62
C VAL B 36 -26.83 13.20 -15.46
N LYS B 37 -26.24 12.48 -14.50
CA LYS B 37 -26.76 11.19 -14.12
C LYS B 37 -27.80 11.38 -13.02
N ILE B 38 -29.04 10.95 -13.27
CA ILE B 38 -30.12 10.99 -12.29
C ILE B 38 -30.28 9.59 -11.71
N PHE B 39 -30.09 9.39 -10.41
CA PHE B 39 -30.06 8.00 -9.97
C PHE B 39 -31.48 7.44 -9.80
N SER B 40 -31.61 6.14 -10.03
CA SER B 40 -32.92 5.60 -9.71
C SER B 40 -33.05 5.45 -8.21
N SER B 41 -34.31 5.35 -7.79
CA SER B 41 -34.67 5.18 -6.38
C SER B 41 -33.91 4.01 -5.74
N ARG B 42 -33.78 2.89 -6.44
CA ARG B 42 -33.11 1.72 -5.89
C ARG B 42 -31.62 1.92 -5.70
N ASP B 43 -31.01 2.93 -6.33
CA ASP B 43 -29.56 3.02 -6.37
C ASP B 43 -29.06 4.16 -5.51
N GLU B 44 -29.89 4.61 -4.57
CA GLU B 44 -29.56 5.73 -3.71
C GLU B 44 -28.18 5.58 -3.07
N LYS B 45 -27.85 4.39 -2.55
CA LYS B 45 -26.57 4.24 -1.89
C LYS B 45 -25.39 4.52 -2.81
N SER B 46 -25.51 4.26 -4.13
CA SER B 46 -24.40 4.57 -5.03
C SER B 46 -24.17 6.07 -5.14
N TRP B 47 -25.24 6.87 -5.21
CA TRP B 47 -25.10 8.32 -5.22
C TRP B 47 -24.41 8.78 -3.96
N PHE B 48 -24.82 8.23 -2.83
CA PHE B 48 -24.25 8.60 -1.55
C PHE B 48 -22.76 8.28 -1.55
N ARG B 49 -22.38 7.08 -1.99
CA ARG B 49 -20.97 6.71 -1.98
C ARG B 49 -20.16 7.65 -2.86
N GLU B 50 -20.64 7.89 -4.06
CA GLU B 50 -19.87 8.70 -4.97
C GLU B 50 -19.85 10.16 -4.48
N THR B 51 -20.91 10.63 -3.82
CA THR B 51 -20.87 11.97 -3.22
C THR B 51 -19.91 12.01 -2.02
N GLU B 52 -19.89 10.94 -1.23
CA GLU B 52 -18.92 10.81 -0.17
C GLU B 52 -17.49 10.96 -0.71
N LEU B 53 -17.18 10.25 -1.81
CA LEU B 53 -15.82 10.33 -2.37
C LEU B 53 -15.48 11.73 -2.86
N TYR B 54 -16.32 12.31 -3.71
CA TYR B 54 -16.03 13.65 -4.20
C TYR B 54 -15.93 14.68 -3.06
N ASN B 55 -16.61 14.46 -1.92
CA ASN B 55 -16.50 15.40 -0.81
C ASN B 55 -15.35 15.10 0.14
N THR B 56 -14.79 13.91 0.13
CA THR B 56 -13.76 13.63 1.11
C THR B 56 -12.42 13.25 0.49
N VAL B 57 -12.32 13.20 -0.84
CA VAL B 57 -11.12 12.68 -1.48
C VAL B 57 -10.71 13.60 -2.64
N MET B 58 -9.46 14.06 -2.61
CA MET B 58 -8.87 14.79 -3.72
C MET B 58 -8.61 13.80 -4.84
N LEU B 59 -9.47 13.81 -5.86
CA LEU B 59 -9.38 12.81 -6.92
C LEU B 59 -9.40 13.55 -8.25
N ARG B 60 -8.23 13.81 -8.81
CA ARG B 60 -8.16 14.54 -10.06
C ARG B 60 -7.12 13.83 -10.91
N HIS B 61 -7.49 13.48 -12.13
CA HIS B 61 -6.61 12.74 -13.03
C HIS B 61 -7.23 12.79 -14.42
N GLU B 62 -6.36 12.87 -15.43
CA GLU B 62 -6.83 13.04 -16.79
C GLU B 62 -7.74 11.89 -17.23
N ASN B 63 -7.60 10.70 -16.61
CA ASN B 63 -8.32 9.52 -17.06
C ASN B 63 -9.37 9.06 -16.05
N ILE B 64 -9.80 9.96 -15.19
CA ILE B 64 -10.91 9.73 -14.26
C ILE B 64 -11.95 10.80 -14.51
N LEU B 65 -13.19 10.39 -14.78
CA LEU B 65 -14.27 11.32 -15.11
C LEU B 65 -14.33 12.46 -14.12
N GLY B 66 -14.23 13.70 -14.61
CA GLY B 66 -14.23 14.86 -13.71
C GLY B 66 -15.66 15.18 -13.22
N PHE B 67 -15.81 15.31 -11.90
CA PHE B 67 -17.10 15.67 -11.32
C PHE B 67 -17.23 17.19 -11.23
N ILE B 68 -18.42 17.70 -11.51
CA ILE B 68 -18.71 19.13 -11.35
C ILE B 68 -19.45 19.42 -10.05
N ALA B 69 -20.47 18.62 -9.74
CA ALA B 69 -21.24 18.75 -8.51
C ALA B 69 -22.08 17.50 -8.31
N SER B 70 -22.52 17.34 -7.08
CA SER B 70 -23.56 16.40 -6.70
C SER B 70 -24.68 17.21 -6.07
N ASP B 71 -25.93 16.93 -6.45
CA ASP B 71 -26.99 17.72 -5.86
C ASP B 71 -28.21 16.84 -5.62
N MET B 72 -29.02 17.31 -4.69
CA MET B 72 -30.37 16.84 -4.45
C MET B 72 -31.35 17.88 -4.97
N THR B 73 -32.36 17.45 -5.73
CA THR B 73 -33.35 18.41 -6.25
C THR B 73 -34.72 17.76 -6.38
N SER B 74 -35.73 18.60 -6.25
CA SER B 74 -37.12 18.18 -6.32
C SER B 74 -37.61 18.45 -7.73
N ARG B 75 -37.92 17.39 -8.47
CA ARG B 75 -38.57 17.48 -9.76
C ARG B 75 -39.81 16.60 -9.69
N HIS B 76 -40.96 17.12 -10.12
CA HIS B 76 -42.19 16.34 -10.17
C HIS B 76 -42.74 16.07 -8.77
N SER B 77 -42.34 16.89 -7.80
CA SER B 77 -42.67 16.69 -6.38
C SER B 77 -41.93 15.49 -5.77
N SER B 78 -40.95 14.92 -6.47
CA SER B 78 -40.08 13.88 -5.94
C SER B 78 -38.65 14.39 -5.89
N THR B 79 -37.86 13.78 -5.01
CA THR B 79 -36.44 14.10 -4.90
C THR B 79 -35.62 13.25 -5.86
N GLN B 80 -34.86 13.92 -6.70
CA GLN B 80 -33.90 13.27 -7.56
C GLN B 80 -32.51 13.52 -7.03
N LEU B 81 -31.67 12.51 -7.14
CA LEU B 81 -30.27 12.63 -6.77
C LEU B 81 -29.48 12.77 -8.06
N TRP B 82 -28.72 13.86 -8.18
CA TRP B 82 -28.01 14.13 -9.41
C TRP B 82 -26.52 14.07 -9.20
N LEU B 83 -25.81 13.57 -10.21
CA LEU B 83 -24.37 13.70 -10.31
C LEU B 83 -24.09 14.37 -11.65
N ILE B 84 -23.39 15.50 -11.62
CA ILE B 84 -23.18 16.36 -12.78
C ILE B 84 -21.69 16.27 -13.10
N THR B 85 -21.35 15.86 -14.34
CA THR B 85 -19.95 15.65 -14.71
C THR B 85 -19.68 16.31 -16.04
N HIS B 86 -18.42 16.24 -16.45
CA HIS B 86 -18.06 16.57 -17.81
C HIS B 86 -18.78 15.64 -18.77
N TYR B 87 -19.05 16.16 -19.95
CA TYR B 87 -19.78 15.47 -21.01
C TYR B 87 -18.83 15.06 -22.14
N HIS B 88 -18.99 13.84 -22.67
CA HIS B 88 -18.16 13.37 -23.78
C HIS B 88 -19.00 12.95 -24.98
N GLU B 89 -19.00 13.78 -26.01
CA GLU B 89 -19.89 13.51 -27.13
C GLU B 89 -19.57 12.20 -27.85
N MET B 90 -18.34 11.68 -27.73
CA MET B 90 -18.03 10.39 -28.34
C MET B 90 -18.66 9.21 -27.60
N GLY B 91 -19.22 9.45 -26.43
CA GLY B 91 -20.00 8.41 -25.75
C GLY B 91 -19.12 7.52 -24.88
N SER B 92 -19.68 6.38 -24.44
CA SER B 92 -18.87 5.42 -23.69
C SER B 92 -18.05 4.60 -24.67
N LEU B 93 -17.06 3.88 -24.14
CA LEU B 93 -16.25 2.98 -24.97
C LEU B 93 -17.14 1.93 -25.66
N TYR B 94 -18.16 1.45 -24.95
CA TYR B 94 -19.17 0.58 -25.54
C TYR B 94 -19.82 1.16 -26.80
N ASP B 95 -20.17 2.45 -26.78
CA ASP B 95 -20.70 3.14 -27.97
C ASP B 95 -19.63 3.28 -29.05
N TYR B 96 -18.47 3.80 -28.68
CA TYR B 96 -17.42 4.09 -29.65
C TYR B 96 -16.96 2.82 -30.39
N LEU B 97 -16.79 1.71 -29.66
CA LEU B 97 -16.33 0.48 -30.32
C LEU B 97 -17.35 -0.03 -31.34
N GLN B 98 -18.61 0.28 -31.13
CA GLN B 98 -19.64 -0.05 -32.11
C GLN B 98 -19.70 0.94 -33.26
N LEU B 99 -19.23 2.16 -33.08
CA LEU B 99 -19.24 3.12 -34.17
C LEU B 99 -18.10 2.90 -35.17
N THR B 100 -16.95 2.37 -34.72
CA THR B 100 -15.77 2.45 -35.56
C THR B 100 -14.79 1.33 -35.23
N THR B 101 -13.84 1.10 -36.16
CA THR B 101 -12.68 0.26 -35.93
C THR B 101 -11.49 1.14 -35.53
N LEU B 102 -10.42 0.49 -35.06
CA LEU B 102 -9.25 1.19 -34.50
C LEU B 102 -8.01 0.81 -35.31
N ASP B 103 -7.05 1.70 -35.39
CA ASP B 103 -5.73 1.34 -35.88
C ASP B 103 -4.86 1.07 -34.65
N THR B 104 -3.58 0.76 -34.87
CA THR B 104 -2.73 0.36 -33.75
C THR B 104 -2.58 1.50 -32.74
N VAL B 105 -2.32 2.72 -33.22
CA VAL B 105 -2.08 3.84 -32.32
C VAL B 105 -3.32 4.14 -31.50
N SER B 106 -4.49 4.19 -32.15
CA SER B 106 -5.67 4.54 -31.37
C SER B 106 -6.10 3.40 -30.45
N CYS B 107 -5.81 2.15 -30.81
CA CYS B 107 -6.10 1.05 -29.88
C CYS B 107 -5.27 1.18 -28.61
N LEU B 108 -3.96 1.44 -28.75
CA LEU B 108 -3.09 1.52 -27.57
C LEU B 108 -3.38 2.76 -26.73
N ARG B 109 -3.71 3.87 -27.39
CA ARG B 109 -4.09 5.07 -26.65
C ARG B 109 -5.28 4.80 -25.75
N ILE B 110 -6.30 4.09 -26.25
CA ILE B 110 -7.47 3.75 -25.43
C ILE B 110 -7.08 2.89 -24.23
N VAL B 111 -6.38 1.77 -24.45
CA VAL B 111 -6.23 0.86 -23.32
C VAL B 111 -5.13 1.33 -22.35
N LEU B 112 -4.10 2.04 -22.86
CA LEU B 112 -3.14 2.67 -21.96
C LEU B 112 -3.82 3.69 -21.05
N SER B 113 -4.69 4.55 -21.63
CA SER B 113 -5.29 5.61 -20.81
C SER B 113 -6.20 5.01 -19.75
N ILE B 114 -6.85 3.88 -20.04
CA ILE B 114 -7.63 3.19 -19.01
C ILE B 114 -6.72 2.67 -17.90
N ALA B 115 -5.60 2.04 -18.28
CA ALA B 115 -4.69 1.49 -17.29
C ALA B 115 -4.18 2.61 -16.41
N SER B 116 -3.96 3.77 -17.04
CA SER B 116 -3.41 4.90 -16.34
C SER B 116 -4.41 5.44 -15.33
N GLY B 117 -5.68 5.60 -15.73
CA GLY B 117 -6.70 5.93 -14.74
C GLY B 117 -6.85 4.87 -13.66
N LEU B 118 -6.80 3.58 -14.04
CA LEU B 118 -7.05 2.56 -13.03
C LEU B 118 -5.89 2.49 -12.05
N ALA B 119 -4.65 2.56 -12.55
CA ALA B 119 -3.49 2.64 -11.67
C ALA B 119 -3.63 3.80 -10.69
N HIS B 120 -4.11 4.96 -11.17
CA HIS B 120 -4.22 6.11 -10.30
C HIS B 120 -5.25 5.90 -9.20
N LEU B 121 -6.37 5.25 -9.52
CA LEU B 121 -7.32 4.90 -8.47
C LEU B 121 -6.65 4.03 -7.43
N HIS B 122 -5.99 2.96 -7.91
CA HIS B 122 -5.45 1.95 -7.01
C HIS B 122 -4.36 2.47 -6.09
N ILE B 123 -3.57 3.45 -6.50
CA ILE B 123 -2.38 3.74 -5.69
C ILE B 123 -2.70 4.80 -4.66
N GLU B 124 -2.20 4.59 -3.45
CA GLU B 124 -2.34 5.58 -2.39
C GLU B 124 -1.27 6.66 -2.54
N ILE B 125 -1.71 7.92 -2.40
CA ILE B 125 -0.84 9.10 -2.48
C ILE B 125 -0.82 9.80 -1.13
N PHE B 126 0.34 10.30 -0.72
CA PHE B 126 0.45 10.95 0.57
C PHE B 126 0.71 12.45 0.41
N GLY B 127 0.66 13.15 1.56
CA GLY B 127 0.80 14.59 1.57
C GLY B 127 -0.52 15.29 1.28
N THR B 128 -0.40 16.59 0.98
CA THR B 128 -1.57 17.44 0.76
C THR B 128 -2.24 17.20 -0.59
N GLN B 129 -1.54 16.58 -1.54
CA GLN B 129 -2.12 16.22 -2.83
C GLN B 129 -2.48 14.75 -2.91
N GLY B 130 -2.62 14.08 -1.76
CA GLY B 130 -2.78 12.65 -1.69
C GLY B 130 -4.21 12.19 -1.59
N LYS B 131 -4.36 10.88 -1.44
CA LYS B 131 -5.66 10.22 -1.49
C LYS B 131 -5.48 8.78 -1.02
N PRO B 132 -6.55 8.12 -0.62
CA PRO B 132 -6.44 6.70 -0.26
C PRO B 132 -6.35 5.88 -1.54
N ALA B 133 -5.96 4.62 -1.39
CA ALA B 133 -6.08 3.68 -2.50
C ALA B 133 -7.56 3.39 -2.74
N ILE B 134 -7.95 3.29 -4.01
CA ILE B 134 -9.37 3.07 -4.34
C ILE B 134 -9.50 1.92 -5.34
N ALA B 135 -10.31 0.91 -5.00
CA ALA B 135 -10.74 -0.11 -5.95
C ALA B 135 -12.14 0.24 -6.47
N HIS B 136 -12.35 0.01 -7.78
CA HIS B 136 -13.52 0.49 -8.51
C HIS B 136 -14.71 -0.45 -8.36
N ARG B 137 -14.54 -1.73 -8.72
CA ARG B 137 -15.46 -2.83 -8.50
C ARG B 137 -16.57 -2.94 -9.56
N ASP B 138 -16.68 -2.00 -10.50
CA ASP B 138 -17.69 -2.15 -11.55
C ASP B 138 -17.10 -1.68 -12.87
N LEU B 139 -15.86 -2.07 -13.14
CA LEU B 139 -15.22 -1.59 -14.34
C LEU B 139 -15.83 -2.33 -15.54
N LYS B 140 -16.20 -1.60 -16.59
CA LYS B 140 -16.73 -2.20 -17.82
C LYS B 140 -16.76 -1.14 -18.93
N SER B 141 -17.00 -1.58 -20.19
CA SER B 141 -16.89 -0.63 -21.31
C SER B 141 -17.97 0.47 -21.25
N LYS B 142 -19.15 0.17 -20.70
CA LYS B 142 -20.14 1.23 -20.50
C LYS B 142 -19.75 2.25 -19.44
N ASN B 143 -18.83 1.91 -18.51
CA ASN B 143 -18.38 2.85 -17.48
C ASN B 143 -17.09 3.58 -17.84
N ILE B 144 -16.76 3.66 -19.12
CA ILE B 144 -15.55 4.30 -19.60
C ILE B 144 -15.98 5.24 -20.71
N LEU B 145 -15.61 6.52 -20.62
CA LEU B 145 -16.00 7.50 -21.62
C LEU B 145 -14.81 7.74 -22.55
N VAL B 146 -15.10 8.02 -23.83
CA VAL B 146 -14.07 8.29 -24.82
C VAL B 146 -14.04 9.80 -25.07
N LYS B 147 -12.86 10.37 -25.04
CA LYS B 147 -12.65 11.80 -25.22
C LYS B 147 -12.26 12.08 -26.66
N LYS B 148 -12.37 13.35 -27.07
CA LYS B 148 -12.00 13.67 -28.44
C LYS B 148 -10.50 13.43 -28.72
N ASN B 149 -9.64 13.54 -27.70
CA ASN B 149 -8.21 13.35 -27.94
C ASN B 149 -7.82 11.86 -28.05
N GLY B 150 -8.78 10.93 -28.11
CA GLY B 150 -8.49 9.51 -28.20
C GLY B 150 -8.22 8.81 -26.88
N GLN B 151 -8.09 9.55 -25.78
CA GLN B 151 -8.02 8.92 -24.48
C GLN B 151 -9.40 8.74 -23.87
N CYS B 152 -9.44 7.94 -22.80
CA CYS B 152 -10.61 7.59 -22.03
C CYS B 152 -10.52 8.15 -20.62
N CYS B 153 -11.68 8.16 -19.95
CA CYS B 153 -11.69 8.37 -18.51
C CYS B 153 -12.68 7.41 -17.88
N ILE B 154 -12.38 6.99 -16.64
CA ILE B 154 -13.17 6.01 -15.90
C ILE B 154 -14.25 6.74 -15.11
N ALA B 155 -15.47 6.21 -15.19
CA ALA B 155 -16.63 6.73 -14.47
C ALA B 155 -17.16 5.67 -13.50
N ASP B 156 -18.08 6.10 -12.64
CA ASP B 156 -18.96 5.30 -11.78
C ASP B 156 -18.22 4.74 -10.56
N LEU B 157 -18.09 5.55 -9.52
CA LEU B 157 -17.47 5.15 -8.27
C LEU B 157 -18.48 4.68 -7.23
N GLY B 158 -19.68 4.30 -7.68
CA GLY B 158 -20.73 3.96 -6.76
C GLY B 158 -20.40 2.78 -5.87
N LEU B 159 -19.59 1.82 -6.37
CA LEU B 159 -19.21 0.65 -5.58
C LEU B 159 -17.81 0.73 -4.99
N ALA B 160 -17.17 1.89 -5.07
CA ALA B 160 -15.75 2.00 -4.73
C ALA B 160 -15.48 1.61 -3.27
N VAL B 161 -14.34 0.97 -3.05
CA VAL B 161 -13.84 0.67 -1.71
C VAL B 161 -12.49 1.35 -1.53
N MET B 162 -12.22 1.83 -0.31
CA MET B 162 -11.06 2.69 -0.04
C MET B 162 -10.18 2.12 1.06
N HIS B 163 -8.91 2.47 0.97
CA HIS B 163 -7.88 1.98 1.87
C HIS B 163 -6.79 3.03 2.01
N SER B 164 -6.28 3.23 3.21
CA SER B 164 -5.17 4.14 3.37
C SER B 164 -4.27 3.59 4.46
N GLN B 165 -2.98 3.97 4.39
CA GLN B 165 -1.95 3.66 5.40
C GLN B 165 -2.16 4.45 6.69
N SER B 166 -3.25 5.19 6.83
CA SER B 166 -3.57 5.86 8.08
C SER B 166 -4.52 5.05 8.95
N THR B 167 -4.91 3.84 8.49
CA THR B 167 -5.89 3.00 9.16
C THR B 167 -5.92 1.64 8.48
N ASN B 168 -5.96 0.58 9.29
CA ASN B 168 -6.04 -0.79 8.76
C ASN B 168 -7.49 -1.25 8.51
N GLN B 169 -8.48 -0.37 8.69
CA GLN B 169 -9.86 -0.72 8.40
C GLN B 169 -10.17 -0.53 6.91
N LEU B 170 -10.76 -1.54 6.28
CA LEU B 170 -11.23 -1.42 4.90
C LEU B 170 -12.54 -0.65 4.91
N ASP B 171 -12.57 0.46 4.17
CA ASP B 171 -13.77 1.29 4.02
C ASP B 171 -14.58 0.76 2.83
N VAL B 172 -15.47 -0.20 3.13
CA VAL B 172 -16.48 -0.65 2.19
C VAL B 172 -17.66 0.31 2.26
N GLY B 173 -18.60 0.20 1.34
CA GLY B 173 -19.79 1.03 1.41
C GLY B 173 -20.74 0.52 2.46
N ASN B 174 -22.02 0.76 2.23
CA ASN B 174 -23.14 -0.03 2.76
C ASN B 174 -24.13 -0.23 1.61
N ASN B 175 -23.63 -0.78 0.50
CA ASN B 175 -24.37 -0.75 -0.76
C ASN B 175 -24.78 -2.17 -1.16
N PRO B 176 -26.08 -2.49 -1.20
CA PRO B 176 -26.45 -3.85 -1.62
C PRO B 176 -26.13 -4.11 -3.08
N ARG B 177 -26.13 -3.05 -3.90
CA ARG B 177 -25.72 -3.15 -5.30
C ARG B 177 -24.44 -3.97 -5.40
N VAL B 178 -24.36 -4.79 -6.45
CA VAL B 178 -23.13 -5.53 -6.72
C VAL B 178 -22.74 -5.29 -8.17
N GLY B 179 -21.51 -5.62 -8.52
CA GLY B 179 -21.02 -5.31 -9.85
C GLY B 179 -21.81 -5.99 -10.97
N THR B 180 -21.51 -5.55 -12.19
CA THR B 180 -22.15 -6.10 -13.36
C THR B 180 -21.75 -7.56 -13.50
N LYS B 181 -22.74 -8.45 -13.53
CA LYS B 181 -22.47 -9.88 -13.44
C LYS B 181 -21.58 -10.36 -14.57
N ARG B 182 -21.82 -9.83 -15.78
CA ARG B 182 -21.03 -10.23 -16.93
C ARG B 182 -19.54 -10.07 -16.72
N TYR B 183 -19.11 -9.06 -15.93
CA TYR B 183 -17.67 -8.90 -15.74
C TYR B 183 -17.16 -9.38 -14.39
N MET B 184 -17.97 -10.08 -13.59
CA MET B 184 -17.51 -10.40 -12.24
C MET B 184 -16.38 -11.42 -12.31
N ALA B 185 -15.39 -11.26 -11.44
CA ALA B 185 -14.26 -12.20 -11.37
C ALA B 185 -14.68 -13.55 -10.80
N PRO B 186 -13.88 -14.61 -11.03
CA PRO B 186 -14.20 -15.92 -10.43
C PRO B 186 -14.39 -15.90 -8.94
N GLU B 187 -13.50 -15.22 -8.19
CA GLU B 187 -13.59 -15.25 -6.73
C GLU B 187 -14.82 -14.53 -6.21
N VAL B 188 -15.43 -13.64 -7.01
CA VAL B 188 -16.72 -13.07 -6.65
C VAL B 188 -17.82 -14.10 -6.89
N LEU B 189 -17.84 -14.68 -8.10
CA LEU B 189 -18.90 -15.59 -8.49
C LEU B 189 -18.99 -16.77 -7.53
N ASP B 190 -17.86 -17.26 -7.05
CA ASP B 190 -17.89 -18.38 -6.13
C ASP B 190 -17.78 -17.92 -4.68
N GLU B 191 -17.83 -16.60 -4.45
CA GLU B 191 -17.92 -16.05 -3.09
C GLU B 191 -16.73 -16.45 -2.22
N THR B 192 -15.58 -16.70 -2.82
CA THR B 192 -14.35 -16.99 -2.08
C THR B 192 -13.45 -15.77 -1.93
N ILE B 193 -13.85 -14.63 -2.51
CA ILE B 193 -13.10 -13.41 -2.34
C ILE B 193 -12.92 -13.13 -0.85
N GLN B 194 -11.69 -12.79 -0.46
CA GLN B 194 -11.43 -12.44 0.95
C GLN B 194 -11.95 -11.02 1.17
N VAL B 195 -13.17 -10.91 1.71
CA VAL B 195 -13.87 -9.63 1.74
C VAL B 195 -13.13 -8.59 2.58
N ASP B 196 -12.23 -9.03 3.46
CA ASP B 196 -11.52 -8.15 4.39
C ASP B 196 -10.22 -7.61 3.84
N CYS B 197 -9.74 -8.12 2.71
CA CYS B 197 -8.44 -7.75 2.19
C CYS B 197 -8.63 -6.76 1.03
N PHE B 198 -8.05 -5.57 1.17
CA PHE B 198 -8.22 -4.55 0.15
C PHE B 198 -7.65 -5.01 -1.19
N ASP B 199 -6.53 -5.75 -1.16
CA ASP B 199 -5.86 -6.17 -2.39
C ASP B 199 -6.81 -6.98 -3.26
N SER B 200 -7.67 -7.78 -2.62
CA SER B 200 -8.54 -8.62 -3.42
C SER B 200 -9.53 -7.80 -4.23
N TYR B 201 -9.85 -6.56 -3.81
CA TYR B 201 -10.72 -5.76 -4.66
C TYR B 201 -9.97 -5.18 -5.84
N LYS B 202 -8.70 -4.81 -5.66
CA LYS B 202 -7.91 -4.43 -6.83
C LYS B 202 -7.83 -5.58 -7.84
N ARG B 203 -7.71 -6.80 -7.34
CA ARG B 203 -7.57 -7.94 -8.23
C ARG B 203 -8.85 -8.16 -9.02
N VAL B 204 -10.00 -7.84 -8.41
CA VAL B 204 -11.28 -7.88 -9.14
C VAL B 204 -11.28 -6.85 -10.28
N ASP B 205 -10.73 -5.65 -10.05
CA ASP B 205 -10.66 -4.70 -11.18
C ASP B 205 -9.78 -5.25 -12.32
N ILE B 206 -8.68 -5.95 -11.99
CA ILE B 206 -7.80 -6.41 -13.06
C ILE B 206 -8.48 -7.47 -13.92
N TRP B 207 -9.18 -8.44 -13.31
CA TRP B 207 -10.06 -9.32 -14.08
C TRP B 207 -10.90 -8.53 -15.11
N ALA B 208 -11.70 -7.58 -14.62
CA ALA B 208 -12.58 -6.80 -15.50
C ALA B 208 -11.78 -6.03 -16.56
N PHE B 209 -10.65 -5.42 -16.16
CA PHE B 209 -9.84 -4.71 -17.15
C PHE B 209 -9.40 -5.65 -18.28
N GLY B 210 -8.99 -6.87 -17.95
CA GLY B 210 -8.65 -7.83 -19.02
C GLY B 210 -9.79 -8.02 -19.99
N LEU B 211 -11.05 -8.05 -19.49
CA LEU B 211 -12.21 -8.22 -20.37
C LEU B 211 -12.41 -6.99 -21.25
N VAL B 212 -12.30 -5.79 -20.70
CA VAL B 212 -12.36 -4.58 -21.53
C VAL B 212 -11.28 -4.60 -22.61
N LEU B 213 -10.07 -5.03 -22.24
CA LEU B 213 -8.97 -5.12 -23.21
C LEU B 213 -9.35 -6.04 -24.37
N TRP B 214 -9.96 -7.16 -24.05
CA TRP B 214 -10.46 -8.05 -25.08
C TRP B 214 -11.43 -7.32 -26.01
N GLU B 215 -12.43 -6.61 -25.43
CA GLU B 215 -13.44 -5.95 -26.27
C GLU B 215 -12.78 -4.96 -27.21
N VAL B 216 -11.79 -4.21 -26.71
CA VAL B 216 -11.15 -3.19 -27.53
C VAL B 216 -10.30 -3.83 -28.62
N ALA B 217 -9.53 -4.86 -28.23
CA ALA B 217 -8.64 -5.52 -29.19
C ALA B 217 -9.41 -6.02 -30.41
N ARG B 218 -10.60 -6.59 -30.21
CA ARG B 218 -11.34 -7.15 -31.34
C ARG B 218 -11.57 -6.13 -32.44
N ARG B 219 -11.54 -4.84 -32.11
CA ARG B 219 -11.90 -3.77 -33.02
C ARG B 219 -10.68 -3.12 -33.66
N MET B 220 -9.49 -3.55 -33.28
CA MET B 220 -8.26 -3.08 -33.94
C MET B 220 -8.07 -3.89 -35.22
N VAL B 221 -7.94 -3.19 -36.33
CA VAL B 221 -7.76 -3.86 -37.62
C VAL B 221 -6.31 -4.31 -37.72
N SER B 222 -6.09 -5.53 -38.22
CA SER B 222 -4.74 -5.96 -38.58
C SER B 222 -4.82 -6.75 -39.89
N ASN B 223 -3.88 -6.46 -40.79
CA ASN B 223 -3.82 -7.09 -42.11
C ASN B 223 -5.20 -7.12 -42.71
N GLY B 224 -5.94 -6.02 -42.55
CA GLY B 224 -7.29 -5.90 -43.07
C GLY B 224 -8.36 -6.74 -42.39
N ILE B 225 -8.06 -7.37 -41.26
CA ILE B 225 -9.02 -8.20 -40.55
C ILE B 225 -9.47 -7.48 -39.30
N VAL B 226 -10.76 -7.58 -38.96
CA VAL B 226 -11.25 -7.10 -37.68
C VAL B 226 -12.45 -7.94 -37.26
N GLU B 227 -12.74 -7.96 -35.97
CA GLU B 227 -13.93 -8.65 -35.48
C GLU B 227 -15.07 -7.67 -35.23
N ASP B 228 -16.29 -8.18 -35.29
CA ASP B 228 -17.45 -7.40 -34.84
C ASP B 228 -17.33 -7.05 -33.36
N TYR B 229 -17.93 -5.93 -32.98
CA TYR B 229 -18.06 -5.66 -31.56
C TYR B 229 -18.91 -6.75 -30.91
N LYS B 230 -18.43 -7.30 -29.80
CA LYS B 230 -19.18 -8.21 -28.91
C LYS B 230 -18.80 -7.91 -27.45
N PRO B 231 -19.74 -8.11 -26.53
CA PRO B 231 -19.41 -8.07 -25.09
C PRO B 231 -18.76 -9.36 -24.64
N PRO B 232 -17.96 -9.30 -23.58
CA PRO B 232 -17.38 -10.52 -23.02
C PRO B 232 -18.43 -11.64 -22.82
N PHE B 233 -18.09 -12.85 -23.24
CA PHE B 233 -18.90 -14.03 -23.04
C PHE B 233 -20.20 -14.00 -23.84
N TYR B 234 -20.25 -13.17 -24.90
CA TYR B 234 -21.48 -13.08 -25.71
C TYR B 234 -21.91 -14.44 -26.23
N ASP B 235 -20.96 -15.36 -26.39
CA ASP B 235 -21.26 -16.64 -27.02
C ASP B 235 -21.80 -17.70 -26.07
N VAL B 236 -21.79 -17.48 -24.75
CA VAL B 236 -22.17 -18.57 -23.84
C VAL B 236 -23.19 -18.17 -22.78
N VAL B 237 -23.48 -16.89 -22.65
CA VAL B 237 -24.56 -16.46 -21.75
C VAL B 237 -25.48 -15.54 -22.54
N PRO B 238 -26.72 -15.36 -22.08
CA PRO B 238 -27.67 -14.46 -22.76
C PRO B 238 -27.47 -13.02 -22.30
N ASN B 239 -28.25 -12.13 -22.91
CA ASN B 239 -28.32 -10.76 -22.41
C ASN B 239 -28.78 -10.78 -20.97
N ASP B 240 -28.27 -9.85 -20.18
CA ASP B 240 -28.58 -9.75 -18.76
C ASP B 240 -28.36 -11.10 -18.10
N PRO B 241 -27.13 -11.62 -18.04
CA PRO B 241 -26.94 -12.97 -17.48
C PRO B 241 -27.13 -13.00 -15.98
N SER B 242 -27.60 -14.15 -15.51
CA SER B 242 -27.77 -14.37 -14.08
C SER B 242 -26.42 -14.65 -13.42
N PHE B 243 -26.44 -14.63 -12.10
CA PHE B 243 -25.28 -14.98 -11.32
C PHE B 243 -24.87 -16.44 -11.61
N GLU B 244 -25.85 -17.35 -11.65
CA GLU B 244 -25.52 -18.72 -12.04
C GLU B 244 -25.00 -18.81 -13.46
N ASP B 245 -25.65 -18.16 -14.43
CA ASP B 245 -25.12 -18.21 -15.79
C ASP B 245 -23.63 -17.94 -15.79
N MET B 246 -23.21 -16.89 -15.07
CA MET B 246 -21.80 -16.48 -15.09
C MET B 246 -20.93 -17.45 -14.31
N ARG B 247 -21.41 -17.95 -13.15
CA ARG B 247 -20.59 -18.85 -12.36
C ARG B 247 -20.32 -20.16 -13.11
N LYS B 248 -21.30 -20.65 -13.88
CA LYS B 248 -21.10 -21.90 -14.63
C LYS B 248 -20.02 -21.72 -15.70
N VAL B 249 -20.04 -20.59 -16.39
CA VAL B 249 -19.07 -20.32 -17.44
C VAL B 249 -17.68 -20.10 -16.87
N VAL B 250 -17.58 -19.22 -15.88
CA VAL B 250 -16.28 -18.70 -15.45
C VAL B 250 -15.61 -19.60 -14.41
N CYS B 251 -16.38 -20.17 -13.48
CA CYS B 251 -15.83 -20.97 -12.39
C CYS B 251 -15.92 -22.47 -12.66
N VAL B 252 -17.13 -22.95 -12.98
CA VAL B 252 -17.33 -24.38 -13.16
C VAL B 252 -16.61 -24.87 -14.42
N ASP B 253 -16.70 -24.11 -15.50
CA ASP B 253 -16.09 -24.50 -16.75
C ASP B 253 -14.73 -23.84 -17.02
N GLN B 254 -14.30 -22.88 -16.19
CA GLN B 254 -13.02 -22.22 -16.39
C GLN B 254 -12.92 -21.62 -17.77
N GLN B 255 -14.03 -21.09 -18.29
CA GLN B 255 -13.97 -20.52 -19.63
C GLN B 255 -13.48 -19.07 -19.60
N ARG B 256 -12.89 -18.67 -20.73
CA ARG B 256 -12.26 -17.39 -20.91
C ARG B 256 -12.57 -16.96 -22.34
N PRO B 257 -12.67 -15.65 -22.59
CA PRO B 257 -12.97 -15.18 -23.95
C PRO B 257 -11.98 -15.74 -24.98
N ASN B 258 -12.50 -16.19 -26.12
CA ASN B 258 -11.65 -16.80 -27.13
C ASN B 258 -10.75 -15.75 -27.77
N ILE B 259 -9.50 -16.12 -28.03
CA ILE B 259 -8.55 -15.26 -28.74
C ILE B 259 -8.65 -15.58 -30.23
N PRO B 260 -9.09 -14.64 -31.08
CA PRO B 260 -9.00 -14.84 -32.54
C PRO B 260 -7.56 -15.14 -32.98
N ASN B 261 -7.41 -16.22 -33.77
CA ASN B 261 -6.12 -16.60 -34.34
C ASN B 261 -5.42 -15.45 -35.03
N ARG B 262 -6.17 -14.60 -35.73
CA ARG B 262 -5.49 -13.53 -36.48
C ARG B 262 -4.75 -12.57 -35.57
N TRP B 263 -5.09 -12.52 -34.26
CA TRP B 263 -4.28 -11.72 -33.34
C TRP B 263 -2.85 -12.22 -33.26
N PHE B 264 -2.62 -13.53 -33.45
CA PHE B 264 -1.25 -13.98 -33.38
C PHE B 264 -0.47 -13.76 -34.67
N SER B 265 -0.99 -12.97 -35.59
CA SER B 265 -0.26 -12.52 -36.77
C SER B 265 0.06 -11.04 -36.72
N ASP B 266 -0.22 -10.41 -35.59
CA ASP B 266 0.03 -8.99 -35.38
C ASP B 266 0.79 -8.85 -34.06
N PRO B 267 1.96 -8.23 -34.05
CA PRO B 267 2.73 -8.22 -32.81
C PRO B 267 2.02 -7.47 -31.70
N THR B 268 1.28 -6.42 -32.03
CA THR B 268 0.62 -5.64 -30.98
C THR B 268 -0.48 -6.46 -30.31
N LEU B 269 -1.32 -7.10 -31.12
CA LEU B 269 -2.41 -7.89 -30.56
C LEU B 269 -1.89 -9.16 -29.90
N THR B 270 -0.76 -9.68 -30.38
CA THR B 270 -0.06 -10.75 -29.67
C THR B 270 0.36 -10.30 -28.27
N SER B 271 0.94 -9.10 -28.14
CA SER B 271 1.26 -8.60 -26.81
C SER B 271 -0.02 -8.33 -26.00
N LEU B 272 -1.10 -7.88 -26.66
CA LEU B 272 -2.32 -7.64 -25.88
C LEU B 272 -2.94 -8.94 -25.40
N ALA B 273 -2.85 -10.01 -26.21
CA ALA B 273 -3.39 -11.31 -25.82
C ALA B 273 -2.68 -11.86 -24.60
N LYS B 274 -1.35 -11.77 -24.57
CA LYS B 274 -0.56 -12.15 -23.38
C LYS B 274 -1.00 -11.37 -22.14
N LEU B 275 -1.15 -10.06 -22.29
CA LEU B 275 -1.53 -9.20 -21.17
C LEU B 275 -2.93 -9.54 -20.63
N MET B 276 -3.89 -9.81 -21.54
CA MET B 276 -5.21 -10.30 -21.13
C MET B 276 -5.11 -11.59 -20.31
N LYS B 277 -4.37 -12.56 -20.84
CA LYS B 277 -4.18 -13.83 -20.14
C LYS B 277 -3.76 -13.60 -18.70
N GLU B 278 -2.85 -12.66 -18.48
CA GLU B 278 -2.30 -12.37 -17.16
C GLU B 278 -3.26 -11.57 -16.31
N CYS B 279 -4.44 -11.26 -16.84
CA CYS B 279 -5.52 -10.65 -16.08
C CYS B 279 -6.56 -11.67 -15.67
N TRP B 280 -6.48 -12.89 -16.19
CA TRP B 280 -7.60 -13.80 -16.15
C TRP B 280 -7.28 -15.04 -15.35
N TYR B 281 -6.12 -15.10 -14.70
CA TYR B 281 -5.81 -16.26 -13.87
C TYR B 281 -6.90 -16.49 -12.84
N GLN B 282 -7.21 -17.76 -12.61
CA GLN B 282 -8.16 -18.09 -11.54
C GLN B 282 -7.64 -17.65 -10.18
N ASN B 283 -6.35 -17.81 -9.94
CA ASN B 283 -5.71 -17.34 -8.71
C ASN B 283 -5.57 -15.82 -8.72
N PRO B 284 -6.35 -15.07 -7.91
CA PRO B 284 -6.29 -13.60 -8.00
C PRO B 284 -4.90 -13.02 -7.81
N SER B 285 -4.13 -13.59 -6.89
CA SER B 285 -2.81 -13.04 -6.57
C SER B 285 -1.82 -13.22 -7.71
N ALA B 286 -2.08 -14.10 -8.67
CA ALA B 286 -1.20 -14.23 -9.82
C ALA B 286 -1.37 -13.10 -10.82
N ARG B 287 -2.48 -12.35 -10.78
CA ARG B 287 -2.79 -11.36 -11.81
C ARG B 287 -1.86 -10.16 -11.74
N LEU B 288 -1.68 -9.51 -12.90
CA LEU B 288 -0.83 -8.32 -12.94
C LEU B 288 -1.44 -7.21 -12.10
N THR B 289 -0.60 -6.29 -11.62
CA THR B 289 -1.14 -5.07 -11.04
C THR B 289 -1.46 -4.05 -12.13
N ALA B 290 -2.22 -3.03 -11.76
CA ALA B 290 -2.57 -2.00 -12.73
C ALA B 290 -1.34 -1.24 -13.17
N LEU B 291 -0.46 -0.98 -12.21
CA LEU B 291 0.77 -0.27 -12.52
C LEU B 291 1.64 -1.05 -13.49
N ARG B 292 1.73 -2.40 -13.34
CA ARG B 292 2.55 -3.14 -14.30
C ARG B 292 1.89 -3.18 -15.66
N ILE B 293 0.56 -3.14 -15.70
CA ILE B 293 -0.12 -3.08 -16.98
C ILE B 293 0.18 -1.75 -17.66
N LYS B 294 -0.05 -0.65 -16.95
CA LYS B 294 0.36 0.64 -17.50
C LYS B 294 1.77 0.57 -18.07
N LYS B 295 2.74 0.14 -17.26
CA LYS B 295 4.14 0.10 -17.70
C LYS B 295 4.30 -0.75 -18.97
N THR B 296 3.65 -1.92 -19.05
CA THR B 296 3.75 -2.78 -20.23
C THR B 296 3.15 -2.11 -21.47
N LEU B 297 1.96 -1.50 -21.33
CA LEU B 297 1.31 -0.85 -22.45
C LEU B 297 2.08 0.38 -22.91
N THR B 298 2.87 0.97 -22.02
CA THR B 298 3.71 2.08 -22.40
C THR B 298 4.81 1.63 -23.35
N LYS B 299 5.32 0.41 -23.14
CA LYS B 299 6.40 -0.12 -23.94
C LYS B 299 5.94 -0.90 -25.18
N ILE B 300 4.67 -1.28 -25.27
CA ILE B 300 4.16 -1.95 -26.48
C ILE B 300 3.99 -0.92 -27.59
N ASP B 301 4.46 -1.28 -28.78
CA ASP B 301 4.48 -0.37 -29.95
C ASP B 301 3.25 -0.60 -30.88
C01 IR2 C . 28.05 3.74 25.47
C02 IR2 C . 26.92 4.46 26.18
C04 IR2 C . 28.25 6.41 25.98
C05 IR2 C . 29.20 5.79 24.99
C07 IR2 C . 28.54 4.34 23.16
C08 IR2 C . 29.14 5.21 22.25
C09 IR2 C . 28.88 5.11 20.89
C10 IR2 C . 28.02 4.12 20.43
C11 IR2 C . 27.37 3.28 21.34
C12 IR2 C . 27.64 3.38 22.70
C14 IR2 C . 27.67 5.35 18.44
C16 IR2 C . 26.92 4.39 16.32
C17 IR2 C . 26.56 4.61 14.95
C18 IR2 C . 26.20 3.51 14.20
C19 IR2 C . 26.20 2.22 14.76
C20 IR2 C . 26.54 2.06 16.11
C21 IR2 C . 26.92 3.15 16.91
C22 IR2 C . 27.32 2.96 18.35
C24 IR2 C . 25.80 1.13 13.99
C25 IR2 C . 26.40 0.96 12.75
C26 IR2 C . 26.02 -0.12 11.91
C28 IR2 C . 24.41 -0.82 13.57
C29 IR2 C . 23.38 -1.75 13.97
C30 IR2 C . 22.73 -1.64 15.20
C31 IR2 C . 23.03 -0.58 16.06
C32 IR2 C . 24.04 0.32 15.64
C33 IR2 C . 24.74 0.21 14.40
N06 IR2 C . 28.82 4.50 24.56
N13 IR2 C . 27.69 4.10 19.06
N15 IR2 C . 27.30 5.53 17.07
N27 IR2 C . 25.06 -0.97 12.34
O03 IR2 C . 26.94 5.85 25.97
O23 IR2 C . 27.31 1.88 18.91
S SO4 D . 22.78 10.06 10.78
O1 SO4 D . 21.40 10.17 11.29
O2 SO4 D . 23.62 11.04 11.47
O3 SO4 D . 22.82 10.36 9.35
O4 SO4 D . 23.25 8.70 10.94
S SO4 E . 18.38 -10.10 25.40
O1 SO4 E . 18.32 -10.38 26.86
O2 SO4 E . 19.21 -8.91 25.19
O3 SO4 E . 18.89 -11.35 24.82
O4 SO4 E . 17.07 -9.82 24.78
S SO4 F . 24.99 13.57 16.28
O1 SO4 F . 24.17 14.70 16.70
O2 SO4 F . 26.42 13.91 16.35
O3 SO4 F . 24.71 13.20 14.90
O4 SO4 F . 24.72 12.41 17.11
C1 EDO G . 4.84 -9.13 31.19
O1 EDO G . 6.00 -8.31 31.42
C2 EDO G . 3.71 -8.78 32.19
O2 EDO G . 4.12 -9.11 33.52
C1 EDO H . 15.90 -9.71 31.32
O1 EDO H . 14.63 -10.40 31.11
C2 EDO H . 16.40 -9.71 32.77
O2 EDO H . 15.37 -9.53 33.75
C1 EDO I . 10.53 -0.47 38.39
O1 EDO I . 10.91 0.83 38.94
C2 EDO I . 9.05 -0.85 38.64
O2 EDO I . 8.42 -1.45 37.47
H11 EDO I . 10.71 -0.46 37.32
H12 EDO I . 11.16 -1.24 38.83
HO1 EDO I . 11.77 1.09 38.60
H21 EDO I . 9.00 -1.57 39.47
H22 EDO I . 8.49 0.04 38.93
HO2 EDO I . 7.48 -1.59 37.65
C01 IR2 J . -24.11 7.06 -27.92
C02 IR2 J . -24.87 6.53 -29.13
C04 IR2 J . -25.62 8.62 -29.65
C05 IR2 J . -25.02 9.18 -28.36
C07 IR2 J . -24.18 8.73 -26.16
C08 IR2 J . -24.03 10.11 -26.00
C09 IR2 J . -23.49 10.63 -24.84
C10 IR2 J . -23.12 9.74 -23.84
C11 IR2 J . -23.22 8.36 -24.02
C12 IR2 J . -23.76 7.85 -25.17
C14 IR2 J . -21.57 11.28 -22.90
C16 IR2 J . -21.03 11.27 -20.47
C17 IR2 J . -20.30 11.82 -19.37
C18 IR2 J . -20.46 11.31 -18.08
C19 IR2 J . -21.35 10.25 -17.86
C20 IR2 J . -22.09 9.75 -18.95
C21 IR2 J . -21.90 10.25 -20.27
C22 IR2 J . -22.66 9.68 -21.41
C24 IR2 J . -21.51 9.74 -16.54
C25 IR2 J . -21.70 10.63 -15.45
C26 IR2 J . -21.87 10.14 -14.16
C28 IR2 J . -21.62 7.89 -14.92
C29 IR2 J . -21.60 6.49 -14.62
C30 IR2 J . -21.40 5.55 -15.63
C31 IR2 J . -21.23 5.94 -16.95
C32 IR2 J . -21.23 7.31 -17.24
C33 IR2 J . -21.46 8.32 -16.23
N06 IR2 J . -24.73 8.20 -27.39
N13 IR2 J . -22.49 10.22 -22.68
N15 IR2 J . -20.84 11.81 -21.78
N27 IR2 J . -21.83 8.82 -13.91
O03 IR2 J . -24.85 7.52 -30.14
O23 IR2 J . -23.46 8.79 -21.23
S SO4 K . -25.74 -7.22 -19.82
O1 SO4 K . -26.58 -7.20 -18.64
O2 SO4 K . -24.35 -7.50 -19.39
O3 SO4 K . -26.25 -8.20 -20.81
O4 SO4 K . -25.74 -5.92 -20.52
S SO4 L . -12.96 14.27 -17.95
O1 SO4 L . -11.77 13.43 -17.87
O2 SO4 L . -13.20 15.08 -16.75
O3 SO4 L . -12.75 15.22 -19.04
O4 SO4 L . -14.12 13.40 -18.06
S SO4 M . -14.02 15.82 -24.74
O1 SO4 M . -14.95 16.89 -25.07
O2 SO4 M . -13.60 15.89 -23.35
O3 SO4 M . -12.86 15.89 -25.58
O4 SO4 M . -14.72 14.55 -25.00
C1 EDO N . -15.48 -18.92 -24.63
O1 EDO N . -16.42 -19.39 -25.60
C2 EDO N . -16.18 -17.94 -23.66
O2 EDO N . -16.68 -16.78 -24.35
#